data_5IC6
#
_entry.id   5IC6
#
_cell.length_a   66.142
_cell.length_b   88.501
_cell.length_c   103.383
_cell.angle_alpha   90.00
_cell.angle_beta   90.00
_cell.angle_gamma   90.00
#
_symmetry.space_group_name_H-M   'P 21 21 21'
#
loop_
_entity.id
_entity.type
_entity.pdbx_description
1 polymer 'Caspase-7 subunit p20'
2 polymer 'Caspase-7 subunit p11'
3 polymer 'DEVE peptide'
#
loop_
_entity_poly.entity_id
_entity_poly.type
_entity_poly.pdbx_seq_one_letter_code
_entity_poly.pdbx_strand_id
1 'polypeptide(L)'
;MADDQGCIEEQGVEDSANEDSVDAKPDRSSFVPSLFSKKKKNVTMRSIKTTRDRVPTYQYNMNFEKLGKCIIINNKNFDK
VTGMGVRNGTDKDAEALFKCFRSLGFDVIVYNDCSCAKMQDLLKKASEEDHTNAACFACILLSHGEENVIYGKDGVTPIK
DLTAHFRGDRCKTLLEKPKLFFIQACRGTELDDGIQAD
;
A,C
2 'polypeptide(L)'
;SGPINDTDANPRYKIPVEADFLFAYSTVPGYYSWRSPGRGSWFVQALCSILEEHGKDLEIMQILTRVNDRVARHFESQSD
DPHFHEKKQIPCVVSMLTKELYFSQLEHHHHHH
;
B,D
3 'polypeptide(L)' DEV(MKE) E,F
#
# COMPACT_ATOMS: atom_id res chain seq x y z
N THR A 57 15.32 10.62 15.09
CA THR A 57 14.01 11.15 15.49
C THR A 57 12.96 10.81 14.45
N TYR A 58 13.42 10.40 13.26
CA TYR A 58 12.52 10.05 12.16
C TYR A 58 12.48 8.53 11.96
N GLN A 59 13.17 7.80 12.82
CA GLN A 59 13.13 6.34 12.80
C GLN A 59 12.42 5.81 14.04
N TYR A 60 11.91 4.59 13.94
CA TYR A 60 11.28 3.94 15.08
C TYR A 60 12.31 3.64 16.15
N ASN A 61 11.93 3.79 17.41
CA ASN A 61 12.84 3.50 18.51
C ASN A 61 13.13 2.00 18.59
N MET A 62 14.41 1.65 18.53
CA MET A 62 14.82 0.24 18.56
C MET A 62 15.51 -0.15 19.86
N ASN A 63 15.70 0.80 20.76
CA ASN A 63 16.38 0.51 22.02
C ASN A 63 15.43 -0.21 22.95
N PHE A 64 15.27 -1.50 22.71
CA PHE A 64 14.44 -2.37 23.52
C PHE A 64 15.21 -3.63 23.85
N GLU A 65 14.72 -4.41 24.81
CA GLU A 65 15.44 -5.58 25.28
C GLU A 65 15.42 -6.68 24.23
N LYS A 66 14.40 -6.68 23.37
CA LYS A 66 14.34 -7.60 22.25
C LYS A 66 13.62 -6.96 21.07
N LEU A 67 13.96 -7.42 19.86
CA LEU A 67 13.35 -6.88 18.65
C LEU A 67 11.84 -7.11 18.64
N GLY A 68 11.41 -8.30 19.02
CA GLY A 68 10.00 -8.61 19.09
C GLY A 68 9.69 -10.05 18.72
N LYS A 69 8.40 -10.37 18.70
CA LYS A 69 7.93 -11.70 18.34
C LYS A 69 7.62 -11.78 16.85
N CYS A 70 7.84 -12.95 16.27
CA CYS A 70 7.50 -13.19 14.87
C CYS A 70 6.74 -14.50 14.70
N ILE A 71 5.50 -14.41 14.27
CA ILE A 71 4.68 -15.60 14.08
C ILE A 71 4.59 -15.97 12.60
N ILE A 72 4.99 -17.18 12.27
CA ILE A 72 4.87 -17.66 10.90
C ILE A 72 3.77 -18.71 10.81
N ILE A 73 2.75 -18.40 10.01
CA ILE A 73 1.68 -19.36 9.76
C ILE A 73 1.89 -20.03 8.41
N ASN A 74 2.18 -21.32 8.46
CA ASN A 74 2.54 -22.10 7.27
C ASN A 74 1.46 -23.11 6.91
N ASN A 75 0.51 -22.70 6.06
CA ASN A 75 -0.59 -23.59 5.67
C ASN A 75 -0.30 -24.32 4.38
N LYS A 76 -0.09 -25.63 4.48
CA LYS A 76 0.28 -26.46 3.35
C LYS A 76 -0.85 -27.38 2.92
N ASN A 77 -1.49 -28.01 3.90
CA ASN A 77 -2.56 -28.97 3.62
C ASN A 77 -3.91 -28.45 4.04
N PHE A 78 -4.92 -28.69 3.20
CA PHE A 78 -6.26 -28.18 3.45
C PHE A 78 -7.28 -29.31 3.38
N ASP A 79 -8.35 -29.16 4.14
CA ASP A 79 -9.43 -30.13 4.15
C ASP A 79 -10.01 -30.26 2.75
N LYS A 80 -10.40 -31.48 2.37
CA LYS A 80 -10.99 -31.74 1.07
C LYS A 80 -12.15 -30.79 0.74
N VAL A 81 -12.93 -30.45 1.76
CA VAL A 81 -14.12 -29.62 1.61
C VAL A 81 -13.79 -28.23 1.03
N THR A 82 -12.55 -27.77 1.21
CA THR A 82 -12.13 -26.48 0.68
C THR A 82 -11.81 -26.56 -0.81
N GLY A 83 -11.53 -27.77 -1.28
CA GLY A 83 -11.15 -27.98 -2.67
C GLY A 83 -9.81 -27.35 -3.02
N MET A 84 -9.03 -27.01 -2.00
CA MET A 84 -7.72 -26.40 -2.23
C MET A 84 -6.63 -27.46 -2.21
N GLY A 85 -5.73 -27.38 -3.19
CA GLY A 85 -4.69 -28.38 -3.33
C GLY A 85 -3.49 -28.10 -2.44
N VAL A 86 -2.58 -29.06 -2.39
CA VAL A 86 -1.38 -28.98 -1.57
C VAL A 86 -0.47 -27.87 -2.04
N ARG A 87 0.03 -27.08 -1.09
CA ARG A 87 0.94 -26.00 -1.43
C ARG A 87 2.39 -26.48 -1.35
N ASN A 88 2.78 -27.32 -2.31
CA ASN A 88 4.14 -27.83 -2.36
C ASN A 88 5.15 -26.71 -2.56
N GLY A 89 6.13 -26.64 -1.65
CA GLY A 89 7.16 -25.63 -1.72
C GLY A 89 7.10 -24.66 -0.56
N THR A 90 5.98 -24.65 0.17
CA THR A 90 5.81 -23.71 1.27
C THR A 90 6.65 -24.07 2.50
N ASP A 91 7.03 -25.33 2.59
CA ASP A 91 7.91 -25.78 3.66
C ASP A 91 9.30 -25.17 3.48
N LYS A 92 9.71 -25.06 2.22
CA LYS A 92 10.98 -24.44 1.88
C LYS A 92 10.96 -22.96 2.26
N ASP A 93 9.82 -22.32 2.02
CA ASP A 93 9.59 -20.93 2.38
C ASP A 93 9.63 -20.66 3.88
N ALA A 94 8.91 -21.49 4.65
CA ALA A 94 8.76 -21.27 6.08
C ALA A 94 10.10 -21.34 6.82
N GLU A 95 10.92 -22.33 6.50
CA GLU A 95 12.22 -22.47 7.15
C GLU A 95 13.17 -21.38 6.70
N ALA A 96 13.07 -20.95 5.44
CA ALA A 96 13.88 -19.85 4.95
C ALA A 96 13.54 -18.58 5.74
N LEU A 97 12.24 -18.31 5.86
CA LEU A 97 11.76 -17.17 6.63
C LEU A 97 12.18 -17.28 8.09
N PHE A 98 12.19 -18.51 8.59
CA PHE A 98 12.58 -18.76 9.97
C PHE A 98 14.02 -18.30 10.19
N LYS A 99 14.90 -18.69 9.27
CA LYS A 99 16.31 -18.38 9.39
C LYS A 99 16.57 -16.87 9.30
N CYS A 100 15.81 -16.21 8.43
CA CYS A 100 16.03 -14.79 8.15
C CYS A 100 15.56 -13.89 9.28
N PHE A 101 14.40 -14.19 9.83
CA PHE A 101 13.82 -13.32 10.83
C PHE A 101 14.42 -13.51 12.21
N ARG A 102 14.95 -14.70 12.48
CA ARG A 102 15.64 -14.88 13.74
C ARG A 102 16.99 -14.20 13.63
N SER A 103 17.50 -14.14 12.40
CA SER A 103 18.74 -13.43 12.10
C SER A 103 18.60 -11.93 12.33
N LEU A 104 17.45 -11.40 11.99
CA LEU A 104 17.17 -9.98 12.19
C LEU A 104 17.08 -9.69 13.69
N GLY A 105 16.65 -10.70 14.44
CA GLY A 105 16.57 -10.61 15.89
C GLY A 105 15.22 -11.01 16.46
N PHE A 106 14.29 -11.41 15.60
CA PHE A 106 12.97 -11.83 16.05
C PHE A 106 13.02 -13.16 16.80
N ASP A 107 12.14 -13.32 17.78
CA ASP A 107 11.92 -14.62 18.39
C ASP A 107 10.77 -15.29 17.66
N VAL A 108 11.11 -16.10 16.67
CA VAL A 108 10.15 -16.61 15.70
C VAL A 108 9.61 -17.98 16.04
N ILE A 109 8.30 -18.15 15.90
CA ILE A 109 7.62 -19.41 16.12
C ILE A 109 6.80 -19.81 14.89
N VAL A 110 6.90 -21.07 14.48
CA VAL A 110 6.21 -21.54 13.29
C VAL A 110 5.03 -22.45 13.67
N TYR A 111 3.90 -22.26 13.02
CA TYR A 111 2.74 -23.13 13.17
C TYR A 111 2.33 -23.68 11.80
N ASN A 112 1.95 -24.96 11.73
CA ASN A 112 1.59 -25.57 10.46
C ASN A 112 0.12 -25.96 10.36
N ASP A 113 -0.42 -25.82 9.14
CA ASP A 113 -1.79 -26.21 8.80
C ASP A 113 -2.80 -25.78 9.87
N CYS A 114 -2.84 -24.47 10.13
CA CYS A 114 -3.74 -23.95 11.14
C CYS A 114 -5.17 -23.82 10.62
N SER A 115 -6.13 -24.14 11.49
CA SER A 115 -7.53 -23.86 11.20
C SER A 115 -7.74 -22.35 11.28
N CYS A 116 -8.88 -21.88 10.80
CA CYS A 116 -9.20 -20.47 10.93
C CYS A 116 -9.26 -20.11 12.42
N ALA A 117 -9.85 -21.01 13.21
CA ALA A 117 -9.94 -20.81 14.64
C ALA A 117 -8.55 -20.69 15.25
N LYS A 118 -7.66 -21.55 14.79
CA LYS A 118 -6.29 -21.56 15.29
C LYS A 118 -5.58 -20.26 14.93
N MET A 119 -5.78 -19.78 13.71
CA MET A 119 -5.13 -18.55 13.26
C MET A 119 -5.62 -17.35 14.05
N GLN A 120 -6.93 -17.30 14.30
CA GLN A 120 -7.53 -16.22 15.05
C GLN A 120 -7.04 -16.23 16.50
N ASP A 121 -7.01 -17.42 17.09
CA ASP A 121 -6.57 -17.55 18.47
C ASP A 121 -5.08 -17.21 18.62
N LEU A 122 -4.28 -17.60 17.63
CA LEU A 122 -2.85 -17.35 17.65
C LEU A 122 -2.51 -15.87 17.75
N LEU A 123 -3.07 -15.10 16.82
CA LEU A 123 -2.77 -13.69 16.74
C LEU A 123 -3.43 -12.90 17.87
N LYS A 124 -4.60 -13.36 18.31
CA LYS A 124 -5.28 -12.75 19.44
C LYS A 124 -4.51 -12.96 20.73
N LYS A 125 -4.00 -14.17 20.91
CA LYS A 125 -3.20 -14.50 22.09
C LYS A 125 -1.93 -13.67 22.08
N ALA A 126 -1.35 -13.52 20.90
CA ALA A 126 -0.13 -12.75 20.74
C ALA A 126 -0.40 -11.28 21.04
N SER A 127 -1.58 -10.82 20.69
CA SER A 127 -1.96 -9.42 20.90
C SER A 127 -2.27 -9.13 22.37
N GLU A 128 -2.40 -10.19 23.16
CA GLU A 128 -2.69 -10.03 24.58
C GLU A 128 -1.43 -10.21 25.41
N GLU A 129 -0.31 -10.41 24.71
CA GLU A 129 0.98 -10.56 25.37
C GLU A 129 1.54 -9.19 25.77
N ASP A 130 2.63 -9.21 26.53
CA ASP A 130 3.26 -7.99 27.01
C ASP A 130 4.41 -7.60 26.09
N HIS A 131 4.17 -6.63 25.23
CA HIS A 131 5.19 -6.20 24.27
C HIS A 131 5.92 -4.94 24.73
N THR A 132 5.91 -4.70 26.04
CA THR A 132 6.57 -3.53 26.60
C THR A 132 8.05 -3.46 26.22
N ASN A 133 8.72 -4.60 26.32
CA ASN A 133 10.15 -4.64 26.01
C ASN A 133 10.47 -5.17 24.62
N ALA A 134 9.54 -4.99 23.69
CA ALA A 134 9.76 -5.36 22.29
C ALA A 134 9.71 -4.12 21.40
N ALA A 135 10.47 -4.12 20.31
CA ALA A 135 10.55 -2.97 19.43
C ALA A 135 9.43 -3.00 18.38
N CYS A 136 9.00 -4.19 18.02
CA CYS A 136 7.94 -4.35 17.03
C CYS A 136 7.35 -5.76 17.04
N PHE A 137 6.43 -6.00 16.12
CA PHE A 137 5.83 -7.32 15.93
C PHE A 137 5.75 -7.63 14.45
N ALA A 138 5.86 -8.91 14.12
CA ALA A 138 5.79 -9.34 12.73
C ALA A 138 5.03 -10.66 12.60
N CYS A 139 4.25 -10.79 11.52
CA CYS A 139 3.51 -12.00 11.24
C CYS A 139 3.56 -12.34 9.77
N ILE A 140 3.94 -13.57 9.46
CA ILE A 140 4.01 -14.00 8.07
C ILE A 140 2.93 -15.03 7.78
N LEU A 141 2.13 -14.77 6.74
CA LEU A 141 1.04 -15.65 6.39
C LEU A 141 1.32 -16.36 5.06
N LEU A 142 1.46 -17.68 5.11
CA LEU A 142 1.68 -18.44 3.89
C LEU A 142 0.51 -19.38 3.69
N SER A 143 -0.31 -19.08 2.69
CA SER A 143 -1.49 -19.90 2.43
C SER A 143 -2.15 -19.55 1.12
N HIS A 144 -3.27 -20.23 0.86
CA HIS A 144 -4.13 -19.90 -0.25
C HIS A 144 -4.90 -18.63 0.12
N GLY A 145 -5.47 -17.96 -0.88
CA GLY A 145 -6.29 -16.81 -0.60
C GLY A 145 -7.00 -16.22 -1.80
N GLU A 146 -7.97 -15.36 -1.51
CA GLU A 146 -8.67 -14.58 -2.51
C GLU A 146 -8.70 -13.16 -1.99
N GLU A 147 -9.45 -12.28 -2.65
CA GLU A 147 -9.52 -10.87 -2.25
C GLU A 147 -9.87 -10.72 -0.77
N ASN A 148 -8.95 -10.10 -0.03
CA ASN A 148 -9.13 -9.72 1.37
C ASN A 148 -9.21 -10.87 2.36
N VAL A 149 -9.21 -12.09 1.87
CA VAL A 149 -9.33 -13.23 2.77
C VAL A 149 -8.17 -14.18 2.61
N ILE A 150 -7.91 -14.96 3.64
CA ILE A 150 -6.86 -15.97 3.58
C ILE A 150 -7.43 -17.33 4.02
N TYR A 151 -6.95 -18.39 3.39
CA TYR A 151 -7.45 -19.73 3.67
C TYR A 151 -6.81 -20.33 4.91
N GLY A 152 -7.64 -20.82 5.81
CA GLY A 152 -7.21 -21.66 6.91
C GLY A 152 -7.39 -23.09 6.47
N LYS A 153 -7.07 -24.03 7.36
CA LYS A 153 -7.21 -25.45 7.04
C LYS A 153 -8.65 -25.86 6.76
N ASP A 154 -9.60 -25.16 7.41
CA ASP A 154 -11.01 -25.53 7.35
C ASP A 154 -11.93 -24.49 6.70
N GLY A 155 -11.35 -23.48 6.05
CA GLY A 155 -12.13 -22.44 5.39
C GLY A 155 -11.38 -21.13 5.23
N VAL A 156 -12.12 -20.03 5.13
CA VAL A 156 -11.49 -18.73 4.91
C VAL A 156 -11.78 -17.74 6.03
N THR A 157 -10.83 -16.83 6.23
CA THR A 157 -11.02 -15.75 7.18
C THR A 157 -10.44 -14.47 6.59
N PRO A 158 -11.20 -13.37 6.70
CA PRO A 158 -10.72 -12.08 6.19
C PRO A 158 -9.44 -11.67 6.90
N ILE A 159 -8.52 -11.09 6.13
CA ILE A 159 -7.22 -10.73 6.63
C ILE A 159 -7.34 -9.60 7.63
N LYS A 160 -8.35 -8.76 7.45
CA LYS A 160 -8.52 -7.61 8.32
C LYS A 160 -9.00 -8.06 9.69
N ASP A 161 -9.68 -9.20 9.75
CA ASP A 161 -10.07 -9.78 11.02
C ASP A 161 -8.85 -10.25 11.83
N LEU A 162 -7.84 -10.72 11.11
CA LEU A 162 -6.63 -11.26 11.74
C LEU A 162 -5.71 -10.17 12.27
N THR A 163 -5.61 -9.08 11.53
CA THR A 163 -4.66 -8.02 11.87
C THR A 163 -5.27 -6.98 12.81
N ALA A 164 -6.58 -7.00 12.97
CA ALA A 164 -7.29 -6.03 13.80
C ALA A 164 -6.98 -6.18 15.28
N HIS A 165 -6.45 -7.34 15.67
CA HIS A 165 -6.10 -7.59 17.06
C HIS A 165 -4.96 -6.68 17.51
N PHE A 166 -4.19 -6.18 16.55
CA PHE A 166 -3.01 -5.39 16.85
C PHE A 166 -3.20 -3.90 16.63
N ARG A 167 -4.46 -3.49 16.49
CA ARG A 167 -4.80 -2.08 16.41
C ARG A 167 -4.44 -1.39 17.72
N GLY A 168 -4.13 -0.10 17.63
CA GLY A 168 -3.64 0.66 18.77
C GLY A 168 -4.49 0.59 20.02
N ASP A 169 -5.80 0.47 19.83
CA ASP A 169 -6.74 0.47 20.95
C ASP A 169 -6.95 -0.94 21.52
N ARG A 170 -6.42 -1.95 20.84
CA ARG A 170 -6.60 -3.34 21.26
C ARG A 170 -5.29 -3.99 21.69
N CYS A 171 -4.20 -3.31 21.39
CA CYS A 171 -2.87 -3.78 21.76
C CYS A 171 -1.99 -2.61 22.17
N LYS A 172 -2.13 -2.17 23.42
CA LYS A 172 -1.47 -0.97 23.89
C LYS A 172 0.06 -1.10 23.96
N THR A 173 0.55 -2.30 24.27
CA THR A 173 1.98 -2.51 24.39
C THR A 173 2.72 -2.44 23.05
N LEU A 174 1.97 -2.47 21.94
CA LEU A 174 2.57 -2.32 20.61
C LEU A 174 2.23 -0.96 20.00
N LEU A 175 1.69 -0.07 20.82
CA LEU A 175 1.34 1.27 20.37
C LEU A 175 2.58 2.05 19.96
N GLU A 176 2.47 2.77 18.84
CA GLU A 176 3.55 3.58 18.28
C GLU A 176 4.74 2.73 17.87
N LYS A 177 4.52 1.41 17.79
CA LYS A 177 5.52 0.47 17.30
C LYS A 177 5.01 -0.16 16.02
N PRO A 178 5.93 -0.47 15.08
CA PRO A 178 5.47 -1.02 13.81
C PRO A 178 4.91 -2.44 13.92
N LYS A 179 3.79 -2.68 13.25
CA LYS A 179 3.17 -3.99 13.15
C LYS A 179 3.29 -4.49 11.72
N LEU A 180 4.15 -5.50 11.52
CA LEU A 180 4.45 -5.95 10.16
C LEU A 180 3.69 -7.21 9.81
N PHE A 181 3.08 -7.21 8.64
CA PHE A 181 2.38 -8.38 8.12
C PHE A 181 2.81 -8.74 6.70
N PHE A 182 3.42 -9.91 6.56
CA PHE A 182 3.85 -10.39 5.24
C PHE A 182 2.87 -11.48 4.77
N ILE A 183 2.31 -11.31 3.58
CA ILE A 183 1.25 -12.21 3.13
C ILE A 183 1.52 -12.81 1.75
N GLN A 184 1.76 -14.12 1.74
CA GLN A 184 1.95 -14.88 0.50
C GLN A 184 0.67 -15.63 0.16
N ALA A 185 -0.10 -15.07 -0.76
CA ALA A 185 -1.40 -15.60 -1.12
C ALA A 185 -1.99 -14.89 -2.33
N CYS A 186 -2.89 -15.56 -3.03
CA CYS A 186 -3.59 -14.93 -4.15
C CYS A 186 -4.50 -13.85 -3.63
N ARG A 187 -4.86 -12.92 -4.50
CA ARG A 187 -5.77 -11.86 -4.12
C ARG A 187 -6.81 -11.73 -5.21
N GLY A 188 -6.97 -12.79 -5.99
CA GLY A 188 -7.88 -12.79 -7.12
C GLY A 188 -7.38 -13.76 -8.18
N THR A 189 -7.95 -13.69 -9.37
CA THR A 189 -7.63 -14.65 -10.42
C THR A 189 -7.24 -14.02 -11.75
N GLU A 190 -6.82 -12.76 -11.72
CA GLU A 190 -6.29 -12.12 -12.92
C GLU A 190 -4.83 -12.50 -13.12
N LEU A 191 -4.37 -12.45 -14.37
CA LEU A 191 -3.00 -12.82 -14.69
C LEU A 191 -2.24 -11.64 -15.28
N ASP A 192 -0.99 -11.48 -14.85
CA ASP A 192 -0.12 -10.44 -15.37
C ASP A 192 0.74 -11.01 -16.52
N ASP A 193 0.40 -10.65 -17.74
CA ASP A 193 1.11 -11.19 -18.90
C ASP A 193 2.46 -10.50 -19.08
N GLY A 194 2.60 -9.31 -18.52
CA GLY A 194 3.84 -8.57 -18.59
C GLY A 194 4.09 -8.00 -19.97
N ILE A 195 5.25 -7.36 -20.13
CA ILE A 195 5.63 -6.73 -21.40
C ILE A 195 7.10 -6.30 -21.31
N GLN A 196 7.77 -6.19 -22.46
CA GLN A 196 9.15 -5.77 -22.48
C GLN A 196 9.35 -4.49 -23.28
N LYS B 14 -2.50 11.54 21.23
CA LYS B 14 -3.53 10.72 20.58
C LYS B 14 -3.15 10.37 19.13
N ILE B 15 -3.20 9.09 18.80
CA ILE B 15 -2.82 8.61 17.47
C ILE B 15 -3.83 7.61 16.92
N PRO B 16 -3.96 7.52 15.58
CA PRO B 16 -4.97 6.65 14.98
C PRO B 16 -4.75 5.16 15.29
N VAL B 17 -5.84 4.45 15.53
CA VAL B 17 -5.76 3.03 15.89
C VAL B 17 -5.27 2.18 14.72
N GLU B 18 -5.43 2.71 13.51
CA GLU B 18 -5.07 1.99 12.30
C GLU B 18 -3.65 2.35 11.87
N ALA B 19 -2.93 3.07 12.71
CA ALA B 19 -1.58 3.52 12.35
C ALA B 19 -0.51 2.49 12.71
N ASP B 20 0.67 2.68 12.13
CA ASP B 20 1.88 1.89 12.39
C ASP B 20 1.76 0.44 11.91
N PHE B 21 0.89 0.21 10.94
CA PHE B 21 0.78 -1.08 10.28
C PHE B 21 1.54 -1.06 8.98
N LEU B 22 2.09 -2.20 8.58
CA LEU B 22 2.63 -2.35 7.23
C LEU B 22 2.23 -3.71 6.68
N PHE B 23 1.69 -3.70 5.47
CA PHE B 23 1.27 -4.91 4.79
C PHE B 23 2.10 -5.17 3.54
N ALA B 24 2.99 -6.15 3.60
CA ALA B 24 3.74 -6.56 2.42
C ALA B 24 3.03 -7.73 1.73
N TYR B 25 2.19 -7.42 0.76
CA TYR B 25 1.49 -8.45 -0.02
C TYR B 25 2.38 -8.98 -1.13
N SER B 26 2.25 -10.25 -1.45
CA SER B 26 3.07 -10.88 -2.48
C SER B 26 2.67 -10.45 -3.88
N THR B 27 1.46 -9.89 -3.99
CA THR B 27 0.96 -9.45 -5.28
C THR B 27 -0.09 -8.34 -5.13
N VAL B 28 -0.43 -7.71 -6.24
CA VAL B 28 -1.43 -6.65 -6.28
C VAL B 28 -2.84 -7.21 -6.13
N PRO B 29 -3.81 -6.36 -5.76
CA PRO B 29 -5.19 -6.83 -5.61
C PRO B 29 -5.80 -7.37 -6.90
N GLY B 30 -6.54 -8.46 -6.80
CA GLY B 30 -7.22 -9.04 -7.95
C GLY B 30 -6.37 -10.06 -8.68
N TYR B 31 -5.10 -10.14 -8.34
CA TYR B 31 -4.16 -10.94 -9.12
C TYR B 31 -3.74 -12.21 -8.40
N TYR B 32 -3.33 -13.19 -9.21
CA TYR B 32 -2.75 -14.43 -8.73
C TYR B 32 -1.41 -14.17 -8.03
N SER B 33 -1.04 -15.09 -7.14
CA SER B 33 0.29 -15.12 -6.56
C SER B 33 0.96 -16.43 -6.99
N TRP B 34 2.24 -16.38 -7.31
CA TRP B 34 2.90 -17.54 -7.89
C TRP B 34 3.85 -18.24 -6.92
N ARG B 35 3.98 -19.56 -7.07
CA ARG B 35 4.84 -20.39 -6.24
C ARG B 35 5.50 -21.50 -7.05
N SER B 36 6.77 -21.77 -6.78
CA SER B 36 7.48 -22.88 -7.42
C SER B 36 7.60 -24.06 -6.45
N PRO B 37 6.98 -25.19 -6.81
CA PRO B 37 6.99 -26.38 -5.94
C PRO B 37 8.39 -26.80 -5.51
N GLY B 38 9.38 -26.51 -6.34
CA GLY B 38 10.75 -26.92 -6.08
C GLY B 38 11.61 -25.91 -5.33
N ARG B 39 11.28 -24.63 -5.44
CA ARG B 39 12.11 -23.62 -4.78
C ARG B 39 11.32 -22.77 -3.80
N GLY B 40 9.99 -22.74 -3.95
CA GLY B 40 9.15 -21.94 -3.07
C GLY B 40 8.44 -20.82 -3.81
N SER B 41 7.69 -20.00 -3.06
CA SER B 41 6.99 -18.88 -3.66
C SER B 41 7.96 -17.79 -4.09
N TRP B 42 7.65 -17.12 -5.19
CA TRP B 42 8.53 -16.09 -5.74
C TRP B 42 8.82 -15.01 -4.71
N PHE B 43 7.76 -14.54 -4.05
CA PHE B 43 7.85 -13.45 -3.09
C PHE B 43 8.77 -13.78 -1.91
N VAL B 44 8.58 -14.95 -1.33
CA VAL B 44 9.37 -15.33 -0.16
C VAL B 44 10.84 -15.59 -0.55
N GLN B 45 11.05 -16.14 -1.74
CA GLN B 45 12.41 -16.33 -2.24
C GLN B 45 13.15 -15.01 -2.30
N ALA B 46 12.53 -14.03 -2.96
CA ALA B 46 13.11 -12.69 -3.11
C ALA B 46 13.30 -12.02 -1.75
N LEU B 47 12.23 -11.99 -0.96
CA LEU B 47 12.25 -11.40 0.37
C LEU B 47 13.41 -11.89 1.22
N CYS B 48 13.63 -13.20 1.23
CA CYS B 48 14.69 -13.80 2.03
C CYS B 48 16.06 -13.46 1.45
N SER B 49 16.15 -13.44 0.13
CA SER B 49 17.38 -13.09 -0.57
C SER B 49 17.87 -11.67 -0.20
N ILE B 50 16.94 -10.71 -0.24
CA ILE B 50 17.26 -9.33 0.10
C ILE B 50 17.57 -9.16 1.59
N LEU B 51 16.82 -9.87 2.42
CA LEU B 51 16.95 -9.76 3.88
C LEU B 51 18.27 -10.37 4.37
N GLU B 52 18.85 -11.27 3.59
CA GLU B 52 20.13 -11.86 3.96
C GLU B 52 21.25 -10.89 3.71
N GLU B 53 21.09 -10.07 2.69
CA GLU B 53 22.16 -9.19 2.23
C GLU B 53 22.08 -7.82 2.87
N HIS B 54 20.87 -7.27 2.97
CA HIS B 54 20.68 -5.90 3.43
C HIS B 54 19.72 -5.76 4.60
N GLY B 55 19.39 -6.87 5.26
CA GLY B 55 18.44 -6.86 6.35
C GLY B 55 18.76 -5.92 7.50
N LYS B 56 20.03 -5.61 7.69
CA LYS B 56 20.45 -4.79 8.85
C LYS B 56 21.01 -3.42 8.50
N ASP B 57 21.10 -3.10 7.20
CA ASP B 57 21.65 -1.80 6.82
C ASP B 57 20.72 -0.96 5.94
N LEU B 58 19.51 -1.45 5.70
CA LEU B 58 18.55 -0.70 4.91
C LEU B 58 17.23 -0.48 5.66
N GLU B 59 16.54 0.60 5.29
CA GLU B 59 15.21 0.88 5.81
C GLU B 59 14.22 -0.09 5.18
N ILE B 60 13.14 -0.41 5.89
CA ILE B 60 12.22 -1.45 5.47
C ILE B 60 11.63 -1.20 4.07
N MET B 61 11.43 0.06 3.70
CA MET B 61 10.83 0.36 2.40
C MET B 61 11.85 0.20 1.29
N GLN B 62 13.12 0.44 1.61
CA GLN B 62 14.19 0.20 0.66
C GLN B 62 14.26 -1.29 0.39
N ILE B 63 14.15 -2.09 1.44
CA ILE B 63 14.17 -3.54 1.33
C ILE B 63 13.01 -4.03 0.47
N LEU B 64 11.79 -3.60 0.78
CA LEU B 64 10.64 -4.10 0.06
C LEU B 64 10.61 -3.62 -1.39
N THR B 65 11.13 -2.43 -1.64
CA THR B 65 11.24 -1.93 -3.01
C THR B 65 12.18 -2.82 -3.82
N ARG B 66 13.28 -3.23 -3.19
CA ARG B 66 14.22 -4.11 -3.84
C ARG B 66 13.62 -5.51 -4.03
N VAL B 67 12.73 -5.91 -3.15
CA VAL B 67 12.00 -7.17 -3.31
C VAL B 67 11.06 -7.07 -4.50
N ASN B 68 10.31 -5.98 -4.57
CA ASN B 68 9.40 -5.72 -5.69
C ASN B 68 10.12 -5.84 -7.04
N ASP B 69 11.30 -5.22 -7.10
CA ASP B 69 12.11 -5.23 -8.31
C ASP B 69 12.52 -6.65 -8.69
N ARG B 70 12.98 -7.44 -7.71
CA ARG B 70 13.45 -8.79 -7.98
C ARG B 70 12.34 -9.71 -8.50
N VAL B 71 11.17 -9.65 -7.88
CA VAL B 71 10.05 -10.48 -8.30
C VAL B 71 9.63 -10.13 -9.72
N ALA B 72 9.65 -8.84 -10.03
CA ALA B 72 9.18 -8.36 -11.33
C ALA B 72 10.11 -8.79 -12.45
N ARG B 73 11.39 -8.87 -12.16
CA ARG B 73 12.35 -9.13 -13.22
C ARG B 73 12.82 -10.58 -13.29
N HIS B 74 13.08 -11.19 -12.14
CA HIS B 74 13.79 -12.46 -12.15
C HIS B 74 12.88 -13.68 -12.08
N PHE B 75 11.58 -13.47 -12.30
CA PHE B 75 10.63 -14.57 -12.28
C PHE B 75 9.66 -14.52 -13.46
N GLU B 76 9.42 -15.70 -14.05
CA GLU B 76 8.47 -15.85 -15.13
C GLU B 76 7.87 -17.25 -15.02
N SER B 77 6.55 -17.32 -15.08
CA SER B 77 5.85 -18.58 -14.82
C SER B 77 6.11 -19.64 -15.88
N GLN B 78 6.41 -20.85 -15.41
CA GLN B 78 6.60 -22.01 -16.27
C GLN B 78 5.39 -22.96 -16.08
N SER B 79 4.54 -23.05 -17.09
CA SER B 79 3.33 -23.85 -16.99
C SER B 79 2.99 -24.67 -18.22
N ASP B 80 2.39 -25.83 -17.98
CA ASP B 80 1.68 -26.62 -18.99
C ASP B 80 0.65 -25.85 -19.84
N ASP B 81 -0.11 -25.00 -19.18
CA ASP B 81 -1.29 -24.38 -19.76
C ASP B 81 -0.90 -23.06 -20.47
N PRO B 82 -1.24 -22.92 -21.76
CA PRO B 82 -0.94 -21.66 -22.49
C PRO B 82 -1.63 -20.44 -21.87
N HIS B 83 -2.56 -20.69 -20.95
CA HIS B 83 -3.25 -19.64 -20.21
C HIS B 83 -2.41 -19.23 -19.00
N PHE B 84 -1.58 -20.15 -18.51
CA PHE B 84 -0.80 -19.91 -17.29
C PHE B 84 0.71 -19.82 -17.56
N HIS B 85 1.11 -19.76 -18.83
CA HIS B 85 2.53 -19.76 -19.18
C HIS B 85 3.08 -18.35 -19.44
N GLU B 86 4.36 -18.16 -19.10
CA GLU B 86 5.09 -16.90 -19.33
C GLU B 86 4.46 -15.69 -18.61
N LYS B 87 3.88 -15.93 -17.44
CA LYS B 87 3.23 -14.87 -16.68
C LYS B 87 4.18 -14.20 -15.68
N LYS B 88 3.83 -12.97 -15.29
CA LYS B 88 4.66 -12.15 -14.42
C LYS B 88 3.97 -11.84 -13.10
N GLN B 89 4.70 -11.24 -12.17
CA GLN B 89 4.15 -10.87 -10.88
C GLN B 89 4.81 -9.61 -10.28
N ILE B 90 3.99 -8.75 -9.69
CA ILE B 90 4.52 -7.60 -8.96
C ILE B 90 3.90 -7.60 -7.56
N PRO B 91 4.76 -7.56 -6.53
CA PRO B 91 4.22 -7.53 -5.17
C PRO B 91 3.60 -6.16 -4.87
N CYS B 92 3.07 -6.01 -3.66
CA CYS B 92 2.28 -4.84 -3.32
C CYS B 92 2.47 -4.45 -1.86
N VAL B 93 3.23 -3.37 -1.64
CA VAL B 93 3.50 -2.87 -0.30
C VAL B 93 2.47 -1.83 0.14
N VAL B 94 1.87 -2.03 1.30
CA VAL B 94 0.92 -1.08 1.87
C VAL B 94 1.44 -0.54 3.20
N SER B 95 1.81 0.74 3.24
CA SER B 95 2.39 1.30 4.46
C SER B 95 1.51 2.31 5.20
N MET B 96 1.32 2.04 6.50
CA MET B 96 0.70 3.02 7.39
C MET B 96 1.71 3.42 8.47
N LEU B 97 2.99 3.22 8.19
CA LEU B 97 4.04 3.54 9.15
C LEU B 97 4.20 5.05 9.28
N THR B 98 4.61 5.50 10.47
CA THR B 98 4.76 6.93 10.73
C THR B 98 6.25 7.30 10.92
N LYS B 99 7.10 6.28 10.85
CA LYS B 99 8.55 6.48 10.96
C LYS B 99 9.31 5.50 10.06
N GLU B 100 10.62 5.73 9.93
CA GLU B 100 11.48 4.82 9.18
C GLU B 100 11.87 3.62 10.05
N LEU B 101 12.00 2.45 9.44
CA LEU B 101 12.24 1.23 10.20
C LEU B 101 13.58 0.57 9.85
N TYR B 102 14.45 0.49 10.86
CA TYR B 102 15.75 -0.19 10.74
C TYR B 102 15.84 -1.35 11.73
N PHE B 103 16.40 -2.47 11.30
CA PHE B 103 16.52 -3.64 12.18
C PHE B 103 17.89 -3.71 12.87
N THR C 57 21.82 2.61 -9.78
CA THR C 57 21.19 1.36 -10.21
C THR C 57 19.98 1.03 -9.34
N TYR C 58 19.89 1.68 -8.18
CA TYR C 58 18.79 1.42 -7.26
C TYR C 58 17.79 2.57 -7.23
N GLN C 59 18.05 3.58 -8.05
CA GLN C 59 17.14 4.72 -8.17
C GLN C 59 16.52 4.76 -9.56
N TYR C 60 15.36 5.40 -9.68
CA TYR C 60 14.77 5.62 -10.99
C TYR C 60 15.66 6.60 -11.75
N ASN C 61 15.77 6.42 -13.06
CA ASN C 61 16.51 7.36 -13.89
C ASN C 61 15.78 8.69 -13.99
N MET C 62 16.45 9.77 -13.60
CA MET C 62 15.83 11.10 -13.63
C MET C 62 16.43 11.96 -14.74
N ASN C 63 17.40 11.43 -15.46
CA ASN C 63 18.07 12.20 -16.50
C ASN C 63 17.16 12.26 -17.73
N PHE C 64 16.16 13.12 -17.66
CA PHE C 64 15.21 13.33 -18.75
C PHE C 64 14.99 14.83 -18.99
N GLU C 65 14.38 15.18 -20.11
CA GLU C 65 14.21 16.58 -20.46
C GLU C 65 13.17 17.28 -19.59
N LYS C 66 12.23 16.51 -19.07
CA LYS C 66 11.25 17.04 -18.14
C LYS C 66 10.82 15.97 -17.14
N LEU C 67 10.41 16.42 -15.96
CA LEU C 67 10.01 15.51 -14.89
C LEU C 67 8.78 14.70 -15.33
N GLY C 68 7.82 15.38 -15.91
CA GLY C 68 6.62 14.72 -16.41
C GLY C 68 5.38 15.56 -16.27
N LYS C 69 4.25 14.98 -16.69
CA LYS C 69 2.99 15.69 -16.63
C LYS C 69 2.34 15.42 -15.29
N CYS C 70 1.61 16.41 -14.77
CA CYS C 70 0.88 16.26 -13.53
C CYS C 70 -0.54 16.76 -13.71
N ILE C 71 -1.49 15.85 -13.56
CA ILE C 71 -2.89 16.21 -13.72
C ILE C 71 -3.57 16.36 -12.37
N ILE C 72 -4.10 17.55 -12.11
CA ILE C 72 -4.84 17.78 -10.88
C ILE C 72 -6.32 17.92 -11.19
N ILE C 73 -7.09 16.96 -10.71
CA ILE C 73 -8.53 17.00 -10.87
C ILE C 73 -9.17 17.49 -9.58
N ASN C 74 -9.73 18.70 -9.64
CA ASN C 74 -10.24 19.38 -8.46
C ASN C 74 -11.76 19.47 -8.50
N ASN C 75 -12.43 18.49 -7.91
CA ASN C 75 -13.89 18.47 -7.91
C ASN C 75 -14.47 19.09 -6.64
N LYS C 76 -15.09 20.26 -6.80
CA LYS C 76 -15.59 21.04 -5.68
C LYS C 76 -17.11 21.04 -5.64
N ASN C 77 -17.72 21.22 -6.80
CA ASN C 77 -19.17 21.29 -6.91
C ASN C 77 -19.75 20.08 -7.63
N PHE C 78 -20.86 19.57 -7.13
CA PHE C 78 -21.44 18.36 -7.69
C PHE C 78 -22.92 18.55 -8.01
N ASP C 79 -23.39 17.80 -8.99
CA ASP C 79 -24.80 17.83 -9.38
C ASP C 79 -25.68 17.45 -8.20
N LYS C 80 -26.83 18.11 -8.10
CA LYS C 80 -27.82 17.83 -7.06
C LYS C 80 -28.16 16.34 -6.99
N VAL C 81 -28.24 15.70 -8.16
CA VAL C 81 -28.64 14.30 -8.26
C VAL C 81 -27.72 13.36 -7.47
N THR C 82 -26.48 13.81 -7.24
CA THR C 82 -25.49 13.02 -6.53
C THR C 82 -25.67 13.10 -5.02
N GLY C 83 -26.38 14.14 -4.57
CA GLY C 83 -26.58 14.36 -3.15
C GLY C 83 -25.29 14.67 -2.41
N MET C 84 -24.22 14.97 -3.16
CA MET C 84 -22.93 15.29 -2.55
C MET C 84 -22.78 16.80 -2.38
N GLY C 85 -22.28 17.21 -1.22
CA GLY C 85 -22.17 18.62 -0.91
C GLY C 85 -20.91 19.26 -1.44
N VAL C 86 -20.86 20.59 -1.37
CA VAL C 86 -19.71 21.32 -1.87
C VAL C 86 -18.48 20.98 -1.05
N ARG C 87 -17.37 20.72 -1.73
CA ARG C 87 -16.13 20.42 -1.05
C ARG C 87 -15.33 21.70 -0.79
N ASN C 88 -15.84 22.52 0.12
CA ASN C 88 -15.20 23.77 0.50
C ASN C 88 -13.82 23.53 1.11
N GLY C 89 -12.80 24.19 0.57
CA GLY C 89 -11.46 24.04 1.07
C GLY C 89 -10.56 23.35 0.06
N THR C 90 -11.18 22.74 -0.95
CA THR C 90 -10.41 22.02 -1.94
C THR C 90 -9.73 22.99 -2.93
N ASP C 91 -10.20 24.23 -3.01
CA ASP C 91 -9.52 25.24 -3.84
C ASP C 91 -8.17 25.57 -3.21
N LYS C 92 -8.12 25.64 -1.88
CA LYS C 92 -6.85 25.83 -1.18
C LYS C 92 -5.91 24.66 -1.44
N ASP C 93 -6.47 23.46 -1.48
CA ASP C 93 -5.70 22.27 -1.80
C ASP C 93 -5.06 22.37 -3.19
N ALA C 94 -5.87 22.74 -4.17
CA ALA C 94 -5.42 22.80 -5.54
C ALA C 94 -4.30 23.81 -5.73
N GLU C 95 -4.41 24.98 -5.11
CA GLU C 95 -3.38 26.01 -5.21
C GLU C 95 -2.10 25.59 -4.50
N ALA C 96 -2.26 24.93 -3.36
CA ALA C 96 -1.11 24.43 -2.62
C ALA C 96 -0.38 23.36 -3.42
N LEU C 97 -1.13 22.41 -3.96
CA LEU C 97 -0.60 21.33 -4.78
C LEU C 97 0.05 21.84 -6.06
N PHE C 98 -0.54 22.87 -6.65
CA PHE C 98 -0.01 23.43 -7.88
C PHE C 98 1.40 23.96 -7.66
N LYS C 99 1.57 24.78 -6.61
CA LYS C 99 2.87 25.38 -6.36
C LYS C 99 3.91 24.31 -5.99
N CYS C 100 3.49 23.27 -5.28
CA CYS C 100 4.43 22.25 -4.81
C CYS C 100 4.92 21.33 -5.92
N PHE C 101 4.00 20.86 -6.75
CA PHE C 101 4.38 19.90 -7.77
C PHE C 101 5.05 20.62 -8.92
N ARG C 102 4.76 21.92 -9.06
CA ARG C 102 5.45 22.74 -10.05
C ARG C 102 6.87 23.05 -9.55
N SER C 103 7.02 23.15 -8.24
CA SER C 103 8.32 23.33 -7.60
C SER C 103 9.21 22.11 -7.83
N LEU C 104 8.59 20.94 -7.82
CA LEU C 104 9.31 19.70 -8.04
C LEU C 104 9.80 19.58 -9.49
N GLY C 105 9.04 20.16 -10.42
CA GLY C 105 9.44 20.16 -11.83
C GLY C 105 8.38 19.62 -12.77
N PHE C 106 7.23 19.24 -12.23
CA PHE C 106 6.12 18.70 -13.01
C PHE C 106 5.50 19.76 -13.91
N ASP C 107 4.96 19.32 -15.05
CA ASP C 107 4.15 20.19 -15.90
C ASP C 107 2.71 20.03 -15.45
N VAL C 108 2.26 20.89 -14.55
CA VAL C 108 0.99 20.67 -13.86
C VAL C 108 -0.15 21.45 -14.50
N ILE C 109 -1.27 20.75 -14.71
CA ILE C 109 -2.51 21.36 -15.21
C ILE C 109 -3.65 20.97 -14.27
N VAL C 110 -4.47 21.95 -13.91
CA VAL C 110 -5.59 21.72 -13.00
C VAL C 110 -6.91 21.72 -13.75
N TYR C 111 -7.76 20.76 -13.42
CA TYR C 111 -9.09 20.69 -14.01
C TYR C 111 -10.12 20.74 -12.89
N ASN C 112 -11.21 21.47 -13.12
CA ASN C 112 -12.20 21.64 -12.07
C ASN C 112 -13.56 21.04 -12.41
N ASP C 113 -14.19 20.43 -11.40
CA ASP C 113 -15.52 19.83 -11.49
C ASP C 113 -15.72 19.01 -12.75
N CYS C 114 -14.88 17.98 -12.92
CA CYS C 114 -14.98 17.12 -14.09
C CYS C 114 -16.10 16.09 -13.94
N SER C 115 -16.76 15.80 -15.04
CA SER C 115 -17.68 14.68 -15.09
C SER C 115 -16.86 13.39 -15.05
N CYS C 116 -17.53 12.26 -14.82
CA CYS C 116 -16.84 10.97 -14.85
C CYS C 116 -16.24 10.74 -16.24
N ALA C 117 -17.00 11.09 -17.28
CA ALA C 117 -16.52 10.96 -18.65
C ALA C 117 -15.29 11.82 -18.88
N LYS C 118 -15.33 13.04 -18.35
CA LYS C 118 -14.22 13.97 -18.49
C LYS C 118 -12.97 13.43 -17.81
N MET C 119 -13.14 12.84 -16.62
CA MET C 119 -12.01 12.29 -15.89
C MET C 119 -11.41 11.12 -16.63
N GLN C 120 -12.25 10.29 -17.22
CA GLN C 120 -11.77 9.15 -17.98
C GLN C 120 -11.01 9.59 -19.22
N ASP C 121 -11.58 10.55 -19.93
CA ASP C 121 -10.97 11.04 -21.16
C ASP C 121 -9.64 11.72 -20.89
N LEU C 122 -9.57 12.43 -19.78
CA LEU C 122 -8.34 13.14 -19.40
C LEU C 122 -7.17 12.20 -19.25
N LEU C 123 -7.35 11.15 -18.44
CA LEU C 123 -6.26 10.23 -18.16
C LEU C 123 -5.99 9.33 -19.37
N LYS C 124 -7.03 9.07 -20.15
CA LYS C 124 -6.88 8.26 -21.35
C LYS C 124 -6.02 9.01 -22.37
N LYS C 125 -6.31 10.31 -22.55
CA LYS C 125 -5.50 11.15 -23.43
C LYS C 125 -4.08 11.26 -22.90
N ALA C 126 -3.96 11.37 -21.58
CA ALA C 126 -2.66 11.50 -20.96
C ALA C 126 -1.83 10.24 -21.17
N SER C 127 -2.51 9.09 -21.17
CA SER C 127 -1.81 7.81 -21.34
C SER C 127 -1.42 7.57 -22.80
N GLU C 128 -1.97 8.38 -23.69
CA GLU C 128 -1.71 8.22 -25.12
C GLU C 128 -0.71 9.25 -25.61
N GLU C 129 -0.22 10.09 -24.69
CA GLU C 129 0.79 11.08 -25.03
C GLU C 129 2.17 10.44 -25.13
N ASP C 130 3.14 11.21 -25.62
CA ASP C 130 4.50 10.69 -25.77
C ASP C 130 5.36 11.08 -24.58
N HIS C 131 5.56 10.13 -23.68
CA HIS C 131 6.30 10.40 -22.46
C HIS C 131 7.76 9.93 -22.58
N THR C 132 8.25 9.81 -23.82
CA THR C 132 9.63 9.36 -24.07
C THR C 132 10.66 10.20 -23.32
N ASN C 133 10.46 11.51 -23.33
CA ASN C 133 11.38 12.43 -22.66
C ASN C 133 10.87 12.87 -21.30
N ALA C 134 10.07 12.01 -20.65
CA ALA C 134 9.58 12.26 -19.30
C ALA C 134 10.13 11.21 -18.33
N ALA C 135 10.35 11.64 -17.08
CA ALA C 135 10.92 10.75 -16.07
C ALA C 135 9.85 9.97 -15.34
N CYS C 136 8.66 10.56 -15.25
CA CYS C 136 7.54 9.94 -14.57
C CYS C 136 6.21 10.61 -14.91
N PHE C 137 5.16 10.14 -14.25
CA PHE C 137 3.84 10.73 -14.40
C PHE C 137 3.18 10.86 -13.03
N ALA C 138 2.31 11.86 -12.89
CA ALA C 138 1.60 12.06 -11.64
C ALA C 138 0.17 12.50 -11.91
N CYS C 139 -0.74 12.04 -11.05
CA CYS C 139 -2.13 12.45 -11.13
C CYS C 139 -2.69 12.63 -9.74
N ILE C 140 -3.28 13.80 -9.49
CA ILE C 140 -3.86 14.06 -8.19
C ILE C 140 -5.36 14.16 -8.29
N LEU C 141 -6.06 13.37 -7.46
CA LEU C 141 -7.51 13.33 -7.45
C LEU C 141 -8.08 13.92 -6.17
N LEU C 142 -8.81 15.02 -6.30
CA LEU C 142 -9.47 15.63 -5.16
C LEU C 142 -10.97 15.63 -5.37
N SER C 143 -11.68 14.79 -4.63
CA SER C 143 -13.12 14.70 -4.80
C SER C 143 -13.76 13.87 -3.70
N HIS C 144 -15.08 13.67 -3.77
CA HIS C 144 -15.75 12.74 -2.87
C HIS C 144 -15.46 11.33 -3.34
N GLY C 145 -15.69 10.34 -2.49
CA GLY C 145 -15.48 8.98 -2.91
C GLY C 145 -15.88 7.93 -1.89
N GLU C 146 -15.92 6.69 -2.36
CA GLU C 146 -16.14 5.55 -1.49
C GLU C 146 -15.06 4.53 -1.85
N GLU C 147 -15.15 3.33 -1.30
CA GLU C 147 -14.16 2.29 -1.59
C GLU C 147 -13.98 2.07 -3.08
N ASN C 148 -12.74 2.29 -3.55
CA ASN C 148 -12.34 2.00 -4.94
C ASN C 148 -12.97 2.88 -6.02
N VAL C 149 -13.83 3.80 -5.61
CA VAL C 149 -14.49 4.69 -6.58
C VAL C 149 -14.20 6.16 -6.24
N ILE C 150 -14.28 7.01 -7.26
CA ILE C 150 -14.08 8.44 -7.10
C ILE C 150 -15.25 9.19 -7.71
N TYR C 151 -15.64 10.30 -7.10
CA TYR C 151 -16.77 11.06 -7.61
C TYR C 151 -16.37 12.04 -8.72
N GLY C 152 -17.11 11.99 -9.81
CA GLY C 152 -17.08 13.05 -10.79
C GLY C 152 -18.24 13.95 -10.42
N LYS C 153 -18.44 15.03 -11.15
CA LYS C 153 -19.52 15.97 -10.81
C LYS C 153 -20.91 15.31 -10.97
N ASP C 154 -21.01 14.28 -11.79
CA ASP C 154 -22.32 13.67 -12.07
C ASP C 154 -22.47 12.23 -11.57
N GLY C 155 -21.54 11.76 -10.76
CA GLY C 155 -21.62 10.39 -10.26
C GLY C 155 -20.27 9.79 -9.90
N VAL C 156 -20.18 8.46 -9.97
CA VAL C 156 -18.97 7.74 -9.58
C VAL C 156 -18.36 6.93 -10.73
N THR C 157 -17.04 6.76 -10.67
CA THR C 157 -16.29 5.95 -11.61
C THR C 157 -15.16 5.20 -10.89
N PRO C 158 -14.90 3.94 -11.27
CA PRO C 158 -13.85 3.15 -10.62
C PRO C 158 -12.48 3.80 -10.73
N ILE C 159 -11.69 3.73 -9.67
CA ILE C 159 -10.37 4.36 -9.64
C ILE C 159 -9.40 3.58 -10.52
N LYS C 160 -9.60 2.28 -10.61
CA LYS C 160 -8.69 1.45 -11.39
C LYS C 160 -8.92 1.63 -12.88
N ASP C 161 -10.12 2.04 -13.25
CA ASP C 161 -10.41 2.36 -14.65
C ASP C 161 -9.58 3.55 -15.09
N LEU C 162 -9.33 4.46 -14.15
CA LEU C 162 -8.57 5.67 -14.43
C LEU C 162 -7.08 5.34 -14.54
N THR C 163 -6.61 4.44 -13.69
CA THR C 163 -5.18 4.13 -13.62
C THR C 163 -4.77 2.99 -14.56
N ALA C 164 -5.74 2.25 -15.09
CA ALA C 164 -5.41 1.12 -15.96
C ALA C 164 -4.85 1.58 -17.30
N HIS C 165 -5.10 2.84 -17.66
CA HIS C 165 -4.62 3.39 -18.92
C HIS C 165 -3.10 3.50 -18.91
N PHE C 166 -2.52 3.50 -17.72
CA PHE C 166 -1.09 3.70 -17.58
C PHE C 166 -0.35 2.40 -17.29
N ARG C 167 -1.05 1.29 -17.47
CA ARG C 167 -0.41 -0.02 -17.33
C ARG C 167 0.68 -0.19 -18.39
N GLY C 168 1.67 -1.01 -18.07
CA GLY C 168 2.85 -1.15 -18.91
C GLY C 168 2.54 -1.51 -20.36
N ASP C 169 1.46 -2.27 -20.56
CA ASP C 169 1.11 -2.70 -21.91
C ASP C 169 0.22 -1.67 -22.60
N ARG C 170 -0.23 -0.66 -21.87
CA ARG C 170 -1.13 0.33 -22.43
C ARG C 170 -0.50 1.71 -22.51
N CYS C 171 0.65 1.87 -21.86
CA CYS C 171 1.37 3.14 -21.93
C CYS C 171 2.86 2.85 -21.95
N LYS C 172 3.36 2.49 -23.13
CA LYS C 172 4.73 2.03 -23.29
C LYS C 172 5.77 3.13 -23.04
N THR C 173 5.46 4.38 -23.39
CA THR C 173 6.41 5.46 -23.21
C THR C 173 6.64 5.78 -21.73
N LEU C 174 5.80 5.23 -20.86
CA LEU C 174 5.98 5.37 -19.41
C LEU C 174 6.42 4.06 -18.77
N LEU C 175 6.82 3.10 -19.60
CA LEU C 175 7.25 1.80 -19.11
C LEU C 175 8.52 1.94 -18.28
N GLU C 176 8.56 1.22 -17.16
CA GLU C 176 9.70 1.22 -16.23
C GLU C 176 9.89 2.58 -15.57
N LYS C 177 8.88 3.45 -15.68
CA LYS C 177 8.90 4.75 -15.03
C LYS C 177 7.80 4.84 -13.98
N PRO C 178 8.07 5.55 -12.87
CA PRO C 178 7.09 5.57 -11.78
C PRO C 178 5.83 6.37 -12.15
N LYS C 179 4.69 5.77 -11.83
CA LYS C 179 3.40 6.39 -12.09
C LYS C 179 2.75 6.74 -10.75
N LEU C 180 2.65 8.03 -10.44
CA LEU C 180 2.15 8.44 -9.13
C LEU C 180 0.70 8.89 -9.12
N PHE C 181 -0.06 8.33 -8.19
CA PHE C 181 -1.46 8.69 -8.02
C PHE C 181 -1.72 9.09 -6.57
N PHE C 182 -2.10 10.35 -6.39
CA PHE C 182 -2.45 10.88 -5.10
C PHE C 182 -3.97 11.03 -5.05
N ILE C 183 -4.58 10.45 -4.04
CA ILE C 183 -6.04 10.41 -3.99
C ILE C 183 -6.60 10.92 -2.67
N GLN C 184 -7.24 12.07 -2.73
CA GLN C 184 -7.90 12.65 -1.56
C GLN C 184 -9.39 12.36 -1.67
N ALA C 185 -9.86 11.35 -0.94
CA ALA C 185 -11.25 10.92 -1.00
C ALA C 185 -11.54 9.90 0.09
N CYS C 186 -12.80 9.75 0.44
CA CYS C 186 -13.18 8.71 1.38
C CYS C 186 -13.02 7.33 0.75
N ARG C 187 -12.91 6.32 1.60
CA ARG C 187 -12.78 4.95 1.11
C ARG C 187 -13.73 4.05 1.89
N GLY C 188 -14.73 4.67 2.50
CA GLY C 188 -15.66 3.95 3.36
C GLY C 188 -16.20 4.88 4.43
N THR C 189 -16.80 4.31 5.47
CA THR C 189 -17.44 5.10 6.51
C THR C 189 -17.03 4.70 7.93
N GLU C 190 -15.89 4.06 8.10
CA GLU C 190 -15.42 3.82 9.47
C GLU C 190 -14.72 5.07 9.99
N LEU C 191 -14.70 5.19 11.32
CA LEU C 191 -14.09 6.33 11.98
C LEU C 191 -12.95 5.85 12.87
N ASP C 192 -11.85 6.61 12.86
CA ASP C 192 -10.71 6.28 13.73
C ASP C 192 -10.85 7.08 15.03
N ASP C 193 -11.21 6.38 16.09
CA ASP C 193 -11.45 7.02 17.38
C ASP C 193 -10.14 7.38 18.09
N GLY C 194 -9.05 6.76 17.68
CA GLY C 194 -7.75 7.05 18.26
C GLY C 194 -7.53 6.45 19.63
N ILE C 195 -6.39 6.78 20.24
CA ILE C 195 -5.97 6.27 21.54
C ILE C 195 -4.72 7.06 21.98
N GLN C 196 -4.46 7.11 23.28
CA GLN C 196 -3.29 7.84 23.77
C GLN C 196 -2.26 6.93 24.45
N LYS D 14 11.66 -8.31 -19.64
CA LYS D 14 10.20 -8.37 -19.52
C LYS D 14 9.71 -8.01 -18.11
N ILE D 15 8.74 -7.09 -18.01
CA ILE D 15 8.25 -6.63 -16.71
C ILE D 15 6.71 -6.61 -16.64
N PRO D 16 6.16 -6.84 -15.43
CA PRO D 16 4.70 -6.90 -15.23
C PRO D 16 4.01 -5.55 -15.48
N VAL D 17 2.82 -5.61 -16.08
CA VAL D 17 2.12 -4.39 -16.46
C VAL D 17 1.68 -3.56 -15.26
N GLU D 18 1.59 -4.17 -14.08
CA GLU D 18 1.11 -3.47 -12.90
C GLU D 18 2.25 -2.88 -12.05
N ALA D 19 3.47 -2.94 -12.58
CA ALA D 19 4.62 -2.47 -11.82
C ALA D 19 4.82 -0.96 -11.96
N ASP D 20 5.65 -0.39 -11.09
CA ASP D 20 6.05 1.01 -11.14
C ASP D 20 4.89 1.98 -10.87
N PHE D 21 3.86 1.51 -10.16
CA PHE D 21 2.77 2.37 -9.68
C PHE D 21 2.97 2.73 -8.22
N LEU D 22 2.51 3.91 -7.83
CA LEU D 22 2.41 4.22 -6.42
C LEU D 22 1.13 4.98 -6.15
N PHE D 23 0.40 4.49 -5.14
CA PHE D 23 -0.87 5.08 -4.75
C PHE D 23 -0.74 5.72 -3.38
N ALA D 24 -0.75 7.05 -3.32
CA ALA D 24 -0.78 7.76 -2.05
C ALA D 24 -2.23 8.11 -1.70
N TYR D 25 -2.88 7.25 -0.92
CA TYR D 25 -4.25 7.47 -0.48
C TYR D 25 -4.30 8.38 0.73
N SER D 26 -5.35 9.20 0.82
CA SER D 26 -5.50 10.13 1.94
C SER D 26 -5.95 9.42 3.22
N THR D 27 -6.46 8.20 3.08
CA THR D 27 -6.90 7.41 4.23
C THR D 27 -6.82 5.91 3.92
N VAL D 28 -6.93 5.08 4.96
CA VAL D 28 -6.89 3.63 4.82
C VAL D 28 -8.22 3.14 4.22
N PRO D 29 -8.25 1.92 3.66
CA PRO D 29 -9.51 1.42 3.10
C PRO D 29 -10.60 1.25 4.17
N GLY D 30 -11.84 1.60 3.81
CA GLY D 30 -12.97 1.47 4.71
C GLY D 30 -13.23 2.70 5.57
N TYR D 31 -12.30 3.65 5.57
CA TYR D 31 -12.37 4.78 6.48
C TYR D 31 -12.70 6.10 5.80
N TYR D 32 -13.28 7.01 6.59
CA TYR D 32 -13.53 8.39 6.16
C TYR D 32 -12.22 9.13 5.89
N SER D 33 -12.28 10.15 5.05
CA SER D 33 -11.16 11.07 4.89
C SER D 33 -11.63 12.49 5.28
N TRP D 34 -10.78 13.23 5.98
CA TRP D 34 -11.19 14.50 6.57
C TRP D 34 -10.67 15.74 5.84
N ARG D 35 -11.46 16.80 5.87
CA ARG D 35 -11.13 18.07 5.23
C ARG D 35 -11.60 19.25 6.07
N SER D 36 -10.78 20.29 6.15
CA SER D 36 -11.16 21.53 6.85
C SER D 36 -11.54 22.58 5.82
N PRO D 37 -12.81 23.04 5.88
CA PRO D 37 -13.30 24.04 4.92
C PRO D 37 -12.41 25.29 4.84
N GLY D 38 -11.72 25.60 5.94
CA GLY D 38 -10.90 26.80 6.00
C GLY D 38 -9.45 26.63 5.60
N ARG D 39 -8.92 25.42 5.73
CA ARG D 39 -7.50 25.18 5.46
C ARG D 39 -7.25 24.15 4.38
N GLY D 40 -8.26 23.33 4.09
CA GLY D 40 -8.14 22.30 3.09
C GLY D 40 -8.18 20.91 3.69
N SER D 41 -8.00 19.88 2.87
CA SER D 41 -7.98 18.52 3.38
C SER D 41 -6.70 18.26 4.17
N TRP D 42 -6.80 17.45 5.22
CA TRP D 42 -5.67 17.17 6.10
C TRP D 42 -4.48 16.62 5.34
N PHE D 43 -4.77 15.68 4.45
CA PHE D 43 -3.75 14.99 3.68
C PHE D 43 -2.95 15.95 2.80
N VAL D 44 -3.65 16.82 2.07
CA VAL D 44 -2.99 17.73 1.17
C VAL D 44 -2.19 18.77 1.94
N GLN D 45 -2.69 19.18 3.10
CA GLN D 45 -1.95 20.10 3.97
C GLN D 45 -0.60 19.50 4.33
N ALA D 46 -0.62 18.27 4.84
CA ALA D 46 0.61 17.59 5.25
C ALA D 46 1.56 17.39 4.07
N LEU D 47 1.03 16.78 3.01
CA LEU D 47 1.80 16.51 1.81
C LEU D 47 2.57 17.73 1.32
N CYS D 48 1.89 18.86 1.24
CA CYS D 48 2.52 20.09 0.75
C CYS D 48 3.51 20.69 1.73
N SER D 49 3.21 20.65 3.03
CA SER D 49 4.16 21.15 4.02
C SER D 49 5.47 20.35 3.94
N ILE D 50 5.35 19.02 3.84
CA ILE D 50 6.52 18.15 3.74
C ILE D 50 7.25 18.35 2.40
N LEU D 51 6.47 18.52 1.33
CA LEU D 51 7.05 18.70 -0.01
C LEU D 51 7.81 20.02 -0.19
N GLU D 52 7.48 21.04 0.60
CA GLU D 52 8.20 22.30 0.48
C GLU D 52 9.55 22.22 1.16
N GLU D 53 9.63 21.41 2.20
CA GLU D 53 10.84 21.34 3.01
C GLU D 53 11.79 20.26 2.51
N HIS D 54 11.25 19.10 2.18
CA HIS D 54 12.09 17.96 1.79
C HIS D 54 11.72 17.30 0.46
N GLY D 55 10.91 17.99 -0.35
CA GLY D 55 10.46 17.44 -1.61
C GLY D 55 11.56 17.07 -2.59
N LYS D 56 12.70 17.74 -2.47
CA LYS D 56 13.78 17.58 -3.45
C LYS D 56 15.03 16.91 -2.90
N ASP D 57 15.01 16.56 -1.61
CA ASP D 57 16.18 15.92 -1.00
C ASP D 57 15.84 14.60 -0.29
N LEU D 58 14.59 14.15 -0.38
CA LEU D 58 14.20 12.88 0.23
C LEU D 58 13.57 11.94 -0.78
N GLU D 59 13.67 10.64 -0.52
CA GLU D 59 13.01 9.63 -1.34
C GLU D 59 11.51 9.67 -1.04
N ILE D 60 10.69 9.35 -2.03
CA ILE D 60 9.25 9.54 -1.94
C ILE D 60 8.60 8.76 -0.78
N MET D 61 9.18 7.62 -0.40
CA MET D 61 8.62 6.86 0.71
C MET D 61 9.01 7.49 2.04
N GLN D 62 10.15 8.16 2.07
CA GLN D 62 10.54 8.92 3.25
C GLN D 62 9.56 10.07 3.45
N ILE D 63 9.25 10.73 2.34
CA ILE D 63 8.32 11.85 2.33
C ILE D 63 6.92 11.42 2.78
N LEU D 64 6.40 10.36 2.17
CA LEU D 64 5.04 9.91 2.45
C LEU D 64 4.91 9.35 3.86
N THR D 65 5.99 8.76 4.37
CA THR D 65 6.01 8.30 5.74
C THR D 65 5.86 9.49 6.68
N ARG D 66 6.59 10.56 6.38
CA ARG D 66 6.51 11.76 7.20
C ARG D 66 5.15 12.43 7.06
N VAL D 67 4.54 12.29 5.89
CA VAL D 67 3.18 12.80 5.70
C VAL D 67 2.23 11.98 6.58
N ASN D 68 2.39 10.66 6.57
CA ASN D 68 1.63 9.78 7.44
C ASN D 68 1.69 10.20 8.90
N ASP D 69 2.90 10.45 9.40
CA ASP D 69 3.07 10.83 10.80
C ASP D 69 2.37 12.13 11.13
N ARG D 70 2.52 13.13 10.26
CA ARG D 70 1.94 14.45 10.49
C ARG D 70 0.41 14.42 10.48
N VAL D 71 -0.18 13.69 9.53
CA VAL D 71 -1.63 13.59 9.50
C VAL D 71 -2.12 12.88 10.76
N ALA D 72 -1.37 11.85 11.15
CA ALA D 72 -1.76 11.02 12.28
C ALA D 72 -1.69 11.78 13.59
N ARG D 73 -0.76 12.73 13.68
CA ARG D 73 -0.51 13.42 14.94
C ARG D 73 -1.16 14.79 15.04
N HIS D 74 -1.12 15.56 13.96
CA HIS D 74 -1.44 16.98 14.02
C HIS D 74 -2.89 17.32 13.62
N PHE D 75 -3.74 16.32 13.49
CA PHE D 75 -5.13 16.59 13.11
C PHE D 75 -6.14 15.83 13.94
N GLU D 76 -7.21 16.51 14.35
CA GLU D 76 -8.30 15.89 15.09
C GLU D 76 -9.62 16.58 14.72
N SER D 77 -10.64 15.78 14.39
CA SER D 77 -11.85 16.33 13.82
C SER D 77 -12.67 17.24 14.75
N GLN D 78 -13.13 18.35 14.20
CA GLN D 78 -14.00 19.27 14.89
C GLN D 78 -15.40 19.18 14.29
N SER D 79 -16.36 18.68 15.06
CA SER D 79 -17.73 18.60 14.60
C SER D 79 -18.73 18.95 15.69
N ASP D 80 -19.81 19.65 15.30
CA ASP D 80 -21.02 19.78 16.12
C ASP D 80 -21.57 18.42 16.58
N ASP D 81 -21.44 17.41 15.71
CA ASP D 81 -22.05 16.09 15.92
C ASP D 81 -21.16 15.27 16.84
N PRO D 82 -21.69 14.84 17.99
CA PRO D 82 -20.93 14.08 18.99
C PRO D 82 -20.40 12.75 18.48
N HIS D 83 -20.92 12.29 17.35
CA HIS D 83 -20.47 11.06 16.74
C HIS D 83 -19.25 11.29 15.84
N PHE D 84 -19.09 12.52 15.35
CA PHE D 84 -18.02 12.81 14.40
C PHE D 84 -16.89 13.70 14.89
N HIS D 85 -16.86 14.03 16.18
CA HIS D 85 -15.80 14.90 16.70
C HIS D 85 -14.72 14.05 17.37
N GLU D 86 -13.51 14.61 17.44
CA GLU D 86 -12.34 13.98 18.05
C GLU D 86 -11.87 12.72 17.31
N LYS D 87 -12.12 12.68 16.00
CA LYS D 87 -11.72 11.54 15.20
C LYS D 87 -10.35 11.74 14.59
N LYS D 88 -9.68 10.63 14.25
CA LYS D 88 -8.33 10.67 13.74
C LYS D 88 -8.26 10.14 12.31
N GLN D 89 -7.10 10.28 11.67
CA GLN D 89 -6.91 9.79 10.31
C GLN D 89 -5.47 9.34 10.07
N ILE D 90 -5.32 8.23 9.36
CA ILE D 90 -4.00 7.78 8.93
C ILE D 90 -4.00 7.47 7.43
N PRO D 91 -3.11 8.11 6.66
CA PRO D 91 -3.10 7.84 5.22
C PRO D 91 -2.58 6.44 4.90
N CYS D 92 -2.54 6.10 3.63
CA CYS D 92 -2.25 4.74 3.21
C CYS D 92 -1.45 4.73 1.91
N VAL D 93 -0.16 4.43 2.01
CA VAL D 93 0.71 4.38 0.85
C VAL D 93 0.76 2.95 0.28
N VAL D 94 0.50 2.83 -1.01
CA VAL D 94 0.58 1.55 -1.70
C VAL D 94 1.63 1.62 -2.78
N SER D 95 2.76 0.94 -2.58
CA SER D 95 3.86 1.02 -3.53
C SER D 95 4.04 -0.26 -4.33
N MET D 96 4.05 -0.10 -5.64
CA MET D 96 4.41 -1.15 -6.58
C MET D 96 5.69 -0.71 -7.30
N LEU D 97 6.44 0.19 -6.67
CA LEU D 97 7.67 0.71 -7.24
C LEU D 97 8.79 -0.32 -7.18
N THR D 98 9.71 -0.25 -8.14
CA THR D 98 10.79 -1.20 -8.22
C THR D 98 12.12 -0.55 -7.91
N LYS D 99 12.10 0.75 -7.71
CA LYS D 99 13.33 1.50 -7.42
C LYS D 99 13.03 2.63 -6.45
N GLU D 100 14.09 3.27 -5.96
CA GLU D 100 13.92 4.44 -5.11
C GLU D 100 13.65 5.65 -5.98
N LEU D 101 12.80 6.55 -5.49
CA LEU D 101 12.36 7.70 -6.27
C LEU D 101 12.77 9.01 -5.60
N TYR D 102 13.63 9.77 -6.29
CA TYR D 102 14.06 11.08 -5.83
C TYR D 102 13.69 12.16 -6.84
N PHE D 103 13.24 13.32 -6.35
CA PHE D 103 12.91 14.44 -7.23
C PHE D 103 14.08 15.42 -7.36
N ASP E 1 5.02 -24.59 -12.13
CA ASP E 1 4.57 -23.43 -11.37
C ASP E 1 3.07 -23.47 -11.05
N GLU E 2 2.73 -23.16 -9.80
CA GLU E 2 1.33 -23.17 -9.35
C GLU E 2 0.91 -21.84 -8.75
N VAL E 3 -0.39 -21.56 -8.79
CA VAL E 3 -0.93 -20.33 -8.21
C VAL E 3 -1.41 -20.56 -6.77
N ASP F 1 -14.91 20.80 10.41
CA ASP F 1 -14.33 19.74 9.59
C ASP F 1 -15.41 18.91 8.91
N GLU F 2 -15.15 18.52 7.65
CA GLU F 2 -16.10 17.73 6.88
C GLU F 2 -15.43 16.45 6.35
N VAL F 3 -16.24 15.46 5.99
CA VAL F 3 -15.71 14.21 5.44
C VAL F 3 -15.97 14.13 3.95
#